data_6VUY
#
_entry.id   6VUY
#
_cell.length_a   175.047
_cell.length_b   175.047
_cell.length_c   123.557
_cell.angle_alpha   90.000
_cell.angle_beta   90.000
_cell.angle_gamma   120.000
#
_symmetry.space_group_name_H-M   'H 3 2'
#
loop_
_entity.id
_entity.type
_entity.pdbx_description
1 polymer 'N-acetyltransferase Eis'
2 non-polymer (7S)-7-phenyl-2-{[3-(piperidin-1-yl)propyl]sulfanyl}-5,6,7,8-tetrahydro[1]benzothieno[2,3-d]pyrimidin-4-amine
3 non-polymer DI(HYDROXYETHYL)ETHER
4 non-polymer 'DIMETHYL SULFOXIDE'
5 non-polymer GLYCEROL
6 non-polymer 'SODIUM ION'
7 non-polymer 'MAGNESIUM ION'
8 water water
#
_entity_poly.entity_id   1
_entity_poly.type   'polypeptide(L)'
_entity_poly.pdbx_seq_one_letter_code
;MGSSHHHHHHSSGLVPRGSHMTVTLCSPTEDDWPGMFLLAAASFTDFIGPESATAWRTLVPTDGAVVVRDGAGPGSEVVG
MALYMDLRLTVPGEVVLPTAGLSFVAVAPTHRRRGLLRAMCAELHRRIADSGYPVAALHASEGGIYGRFGYGPATTLHEL
TVDRRFARFHADAPGGGLGGSSVRLVRPTEHRGEFEAIYERWRQQVPGGLLRPQVLWDELLAEAKAAPGGDRESFALLHP
DGYALYRVDRTDLKLARVSELRAVTADAHCALWRALIGLDSMERISIITHPQDPLPHLLTDTRLARTTWRQDGLWLRIMN
VPAALEARGYAHEVGEFSTVLEVSDGGRFALKIGDGRARCTPTDAAAEIEMDRDVLGSLYLGAHRASTLAAANRLRTKDS
QLLRRLDAAFASDVPVQTAFEF
;
_entity_poly.pdbx_strand_id   A
#
# COMPACT_ATOMS: atom_id res chain seq x y z
N VAL A 23 13.96 -4.29 31.47
CA VAL A 23 13.19 -4.35 30.19
C VAL A 23 11.94 -3.47 30.34
N THR A 24 12.16 -2.16 30.46
CA THR A 24 11.11 -1.10 30.56
C THR A 24 10.82 -0.55 29.16
N LEU A 25 9.59 -0.10 28.91
CA LEU A 25 9.08 0.37 27.60
C LEU A 25 8.90 1.89 27.63
N CYS A 26 9.62 2.64 26.80
CA CYS A 26 9.76 4.12 26.90
C CYS A 26 9.61 4.78 25.54
N SER A 27 9.36 6.08 25.54
CA SER A 27 9.47 7.00 24.37
C SER A 27 10.93 7.39 24.21
N PRO A 28 11.58 7.14 23.06
CA PRO A 28 12.99 7.48 22.89
C PRO A 28 13.28 8.99 22.92
N THR A 29 14.41 9.35 23.51
CA THR A 29 15.03 10.70 23.52
C THR A 29 16.01 10.74 22.35
N GLU A 30 16.65 11.88 22.06
CA GLU A 30 17.65 11.98 20.94
C GLU A 30 18.89 11.14 21.29
N ASP A 31 19.14 10.88 22.57
CA ASP A 31 20.27 10.04 23.06
C ASP A 31 20.10 8.59 22.58
N ASP A 32 18.85 8.14 22.39
CA ASP A 32 18.51 6.75 22.00
C ASP A 32 18.71 6.52 20.51
N TRP A 33 18.83 7.57 19.69
CA TRP A 33 18.85 7.42 18.22
C TRP A 33 20.00 6.51 17.79
N PRO A 34 21.28 6.80 18.16
CA PRO A 34 22.38 5.90 17.84
C PRO A 34 22.06 4.40 18.00
N GLY A 35 21.47 4.01 19.14
CA GLY A 35 21.04 2.63 19.44
C GLY A 35 19.98 2.10 18.47
N MET A 36 19.08 2.98 18.02
CA MET A 36 17.95 2.63 17.12
C MET A 36 18.50 2.40 15.71
N PHE A 37 19.41 3.25 15.25
CA PHE A 37 20.09 3.13 13.93
C PHE A 37 20.95 1.86 13.91
N LEU A 38 21.61 1.50 15.02
CA LEU A 38 22.37 0.23 15.10
C LEU A 38 21.38 -0.93 14.90
N LEU A 39 20.35 -1.00 15.73
CA LEU A 39 19.35 -2.08 15.62
C LEU A 39 18.75 -2.11 14.21
N ALA A 40 18.55 -0.93 13.60
CA ALA A 40 17.96 -0.77 12.24
C ALA A 40 18.87 -1.41 11.20
N ALA A 41 20.16 -1.07 11.22
CA ALA A 41 21.20 -1.61 10.30
C ALA A 41 21.30 -3.13 10.45
N ALA A 42 21.17 -3.67 11.66
CA ALA A 42 21.30 -5.11 11.91
C ALA A 42 19.99 -5.83 11.56
N SER A 43 18.88 -5.10 11.46
CA SER A 43 17.51 -5.69 11.36
C SER A 43 16.94 -5.59 9.93
N PHE A 44 17.27 -4.52 9.20
CA PHE A 44 16.80 -4.27 7.80
C PHE A 44 18.00 -4.01 6.89
N THR A 45 18.13 -4.77 5.80
CA THR A 45 19.31 -4.72 4.89
C THR A 45 19.18 -3.50 3.96
N ASP A 46 17.94 -3.09 3.65
CA ASP A 46 17.66 -1.91 2.78
C ASP A 46 18.10 -0.62 3.49
N PHE A 47 18.16 -0.60 4.82
CA PHE A 47 18.46 0.62 5.61
C PHE A 47 19.65 1.35 4.97
N ILE A 48 19.44 2.60 4.53
CA ILE A 48 20.50 3.49 3.96
C ILE A 48 21.47 3.82 5.07
N GLY A 49 20.99 4.51 6.11
CA GLY A 49 21.79 5.02 7.23
C GLY A 49 21.25 6.36 7.71
N PRO A 50 21.80 6.95 8.80
CA PRO A 50 21.17 8.09 9.48
C PRO A 50 20.94 9.43 8.74
N GLU A 51 21.21 9.54 7.44
CA GLU A 51 20.99 10.81 6.68
C GLU A 51 19.65 10.75 5.93
N SER A 52 19.24 9.55 5.51
CA SER A 52 17.90 9.28 4.91
C SER A 52 16.85 9.20 6.02
N ALA A 53 17.29 8.89 7.25
CA ALA A 53 16.46 8.77 8.46
C ALA A 53 15.95 10.15 8.89
N THR A 54 16.61 11.22 8.46
CA THR A 54 16.20 12.62 8.75
C THR A 54 14.86 12.93 8.05
N ALA A 55 14.71 12.47 6.80
CA ALA A 55 13.52 12.72 5.97
C ALA A 55 12.29 12.09 6.62
N TRP A 56 12.35 10.78 6.86
CA TRP A 56 11.23 9.97 7.40
C TRP A 56 10.89 10.41 8.83
N ARG A 57 11.89 10.86 9.60
CA ARG A 57 11.74 11.28 11.04
C ARG A 57 10.69 12.39 11.14
N THR A 58 10.60 13.25 10.13
CA THR A 58 9.62 14.39 10.07
C THR A 58 8.19 13.85 10.02
N LEU A 59 7.98 12.58 9.61
CA LEU A 59 6.63 11.94 9.49
C LEU A 59 6.24 11.22 10.79
N VAL A 60 7.19 11.06 11.72
CA VAL A 60 6.92 10.47 13.06
C VAL A 60 6.51 11.58 14.02
N PRO A 61 5.27 11.54 14.57
CA PRO A 61 4.83 12.58 15.50
C PRO A 61 5.51 12.35 16.86
N THR A 62 5.59 13.41 17.67
CA THR A 62 5.94 13.34 19.11
C THR A 62 5.16 12.19 19.74
N ASP A 63 5.84 11.26 20.41
CA ASP A 63 5.17 10.11 21.07
C ASP A 63 4.67 9.08 20.04
N GLY A 64 5.23 9.08 18.83
CA GLY A 64 4.96 8.07 17.80
C GLY A 64 5.89 6.85 17.88
N ALA A 65 6.90 6.88 18.76
CA ALA A 65 7.94 5.84 18.86
C ALA A 65 8.01 5.26 20.28
N VAL A 66 8.24 3.95 20.35
CA VAL A 66 8.64 3.26 21.60
C VAL A 66 9.97 2.53 21.36
N VAL A 67 10.86 2.55 22.35
CA VAL A 67 12.08 1.68 22.42
C VAL A 67 11.94 0.81 23.67
N VAL A 68 12.63 -0.33 23.68
CA VAL A 68 12.86 -1.15 24.90
C VAL A 68 14.36 -1.09 25.18
N ARG A 69 14.77 -0.52 26.31
CA ARG A 69 16.18 -0.55 26.77
C ARG A 69 16.37 -1.78 27.67
N ASP A 70 17.61 -2.29 27.75
CA ASP A 70 17.99 -3.42 28.63
C ASP A 70 19.07 -2.92 29.59
N GLY A 71 18.68 -2.59 30.83
CA GLY A 71 19.58 -2.10 31.89
C GLY A 71 19.14 -0.74 32.43
N SER A 76 22.64 1.65 28.96
CA SER A 76 21.91 0.49 28.35
C SER A 76 21.67 0.73 26.85
N GLU A 77 21.60 -0.35 26.06
CA GLU A 77 21.37 -0.31 24.60
C GLU A 77 19.89 -0.65 24.29
N VAL A 78 19.47 -0.34 23.07
CA VAL A 78 18.08 -0.52 22.54
C VAL A 78 17.95 -1.96 22.00
N VAL A 79 17.06 -2.76 22.58
CA VAL A 79 16.84 -4.19 22.21
C VAL A 79 15.51 -4.34 21.46
N GLY A 80 14.75 -3.26 21.37
CA GLY A 80 13.42 -3.23 20.73
C GLY A 80 13.03 -1.81 20.38
N MET A 81 12.41 -1.64 19.22
CA MET A 81 11.86 -0.32 18.80
C MET A 81 10.67 -0.56 17.87
N ALA A 82 9.79 0.43 17.82
CA ALA A 82 8.59 0.51 16.94
C ALA A 82 8.12 1.96 16.93
N LEU A 83 7.55 2.39 15.81
CA LEU A 83 6.98 3.74 15.70
C LEU A 83 5.87 3.74 14.65
N TYR A 84 5.11 4.82 14.60
CA TYR A 84 4.10 5.03 13.53
C TYR A 84 4.37 6.41 12.93
N MET A 85 4.01 6.54 11.66
CA MET A 85 4.11 7.81 10.91
C MET A 85 2.71 8.29 10.61
N ASP A 86 2.53 9.60 10.58
CA ASP A 86 1.24 10.25 10.21
C ASP A 86 1.11 10.18 8.69
N LEU A 87 0.22 9.33 8.20
CA LEU A 87 -0.05 9.16 6.75
C LEU A 87 -1.50 9.57 6.45
N ARG A 88 -1.80 9.76 5.18
CA ARG A 88 -3.16 10.04 4.65
C ARG A 88 -3.45 8.99 3.57
N LEU A 89 -4.31 8.03 3.88
CA LEU A 89 -4.65 6.88 3.01
C LEU A 89 -5.98 7.18 2.34
N THR A 90 -6.03 7.07 1.01
CA THR A 90 -7.28 7.18 0.22
C THR A 90 -8.03 5.84 0.27
N VAL A 91 -9.34 5.88 0.50
CA VAL A 91 -10.19 4.65 0.57
C VAL A 91 -11.34 4.79 -0.42
N PRO A 92 -12.09 3.71 -0.72
CA PRO A 92 -13.16 3.78 -1.72
C PRO A 92 -14.14 4.93 -1.44
N GLY A 93 -14.60 5.59 -2.52
CA GLY A 93 -15.36 6.85 -2.46
C GLY A 93 -14.44 8.07 -2.44
N GLU A 94 -13.17 7.89 -2.81
CA GLU A 94 -12.16 8.98 -2.84
C GLU A 94 -12.18 9.72 -1.50
N VAL A 95 -12.27 8.95 -0.40
CA VAL A 95 -12.28 9.48 0.99
C VAL A 95 -10.88 9.25 1.57
N VAL A 96 -10.31 10.29 2.19
CA VAL A 96 -8.91 10.27 2.72
C VAL A 96 -8.94 10.19 4.27
N LEU A 97 -8.45 9.07 4.82
CA LEU A 97 -8.38 8.80 6.27
C LEU A 97 -6.99 9.15 6.82
N PRO A 98 -6.91 9.81 8.00
CA PRO A 98 -5.68 9.84 8.77
C PRO A 98 -5.35 8.38 9.13
N THR A 99 -4.09 8.00 8.97
CA THR A 99 -3.62 6.60 9.08
C THR A 99 -2.28 6.58 9.81
N ALA A 100 -2.23 5.92 10.97
CA ALA A 100 -0.98 5.54 11.64
C ALA A 100 -0.27 4.48 10.79
N GLY A 101 0.85 4.85 10.18
CA GLY A 101 1.71 3.96 9.40
C GLY A 101 2.80 3.34 10.26
N LEU A 102 2.65 2.07 10.60
CA LEU A 102 3.58 1.34 11.50
C LEU A 102 4.83 1.01 10.69
N SER A 103 6.01 1.12 11.31
CA SER A 103 7.31 1.05 10.60
C SER A 103 8.45 0.92 11.61
N PHE A 104 9.62 0.51 11.13
CA PHE A 104 10.89 0.51 11.90
C PHE A 104 10.73 -0.39 13.12
N VAL A 105 9.93 -1.46 12.99
CA VAL A 105 9.69 -2.46 14.06
C VAL A 105 10.86 -3.43 14.06
N ALA A 106 11.52 -3.61 15.21
CA ALA A 106 12.69 -4.51 15.32
C ALA A 106 12.84 -4.93 16.78
N VAL A 107 13.15 -6.21 16.97
CA VAL A 107 13.59 -6.79 18.26
C VAL A 107 14.98 -7.36 18.03
N ALA A 108 15.91 -7.10 18.94
CA ALA A 108 17.33 -7.51 18.80
C ALA A 108 17.40 -9.04 18.73
N PRO A 109 18.33 -9.59 17.93
CA PRO A 109 18.49 -11.05 17.81
C PRO A 109 18.77 -11.69 19.17
N THR A 110 19.36 -10.91 20.08
CA THR A 110 19.70 -11.28 21.48
C THR A 110 18.46 -11.37 22.39
N HIS A 111 17.29 -10.89 21.96
CA HIS A 111 16.07 -10.70 22.82
C HIS A 111 14.80 -11.24 22.15
N ARG A 112 14.91 -12.28 21.33
CA ARG A 112 13.76 -12.99 20.72
C ARG A 112 12.92 -13.71 21.80
N ARG A 113 11.71 -14.12 21.43
CA ARG A 113 10.78 -14.95 22.25
C ARG A 113 10.72 -14.41 23.69
N ARG A 114 10.75 -13.09 23.85
CA ARG A 114 10.72 -12.40 25.17
C ARG A 114 9.47 -11.50 25.28
N GLY A 115 8.55 -11.58 24.31
CA GLY A 115 7.25 -10.88 24.30
C GLY A 115 7.38 -9.38 24.06
N LEU A 116 8.48 -8.94 23.45
CA LEU A 116 8.83 -7.50 23.27
C LEU A 116 7.96 -6.87 22.17
N LEU A 117 7.70 -7.60 21.08
CA LEU A 117 6.81 -7.14 19.99
C LEU A 117 5.38 -6.97 20.53
N ARG A 118 4.85 -7.98 21.23
CA ARG A 118 3.49 -7.94 21.82
C ARG A 118 3.36 -6.69 22.70
N ALA A 119 4.38 -6.39 23.50
CA ALA A 119 4.40 -5.23 24.43
C ALA A 119 4.49 -3.90 23.65
N MET A 120 5.36 -3.81 22.66
CA MET A 120 5.59 -2.56 21.88
C MET A 120 4.33 -2.27 21.03
N CYS A 121 3.82 -3.28 20.34
CA CYS A 121 2.61 -3.19 19.48
C CYS A 121 1.42 -2.71 20.33
N ALA A 122 1.21 -3.28 21.52
CA ALA A 122 0.11 -2.92 22.46
C ALA A 122 0.21 -1.45 22.87
N GLU A 123 1.42 -0.97 23.15
CA GLU A 123 1.64 0.44 23.57
C GLU A 123 1.31 1.37 22.40
N LEU A 124 1.80 1.08 21.19
CA LEU A 124 1.55 1.96 20.01
C LEU A 124 0.08 1.94 19.64
N HIS A 125 -0.57 0.77 19.67
CA HIS A 125 -2.01 0.63 19.34
C HIS A 125 -2.88 1.45 20.31
N ARG A 126 -2.48 1.50 21.58
CA ARG A 126 -3.13 2.41 22.58
C ARG A 126 -3.00 3.87 22.14
N ARG A 127 -1.77 4.33 21.86
CA ARG A 127 -1.46 5.73 21.48
C ARG A 127 -2.19 6.07 20.18
N ILE A 128 -2.18 5.14 19.22
CA ILE A 128 -2.81 5.33 17.89
C ILE A 128 -4.33 5.51 18.10
N ALA A 129 -4.95 4.58 18.85
CA ALA A 129 -6.39 4.60 19.20
C ALA A 129 -6.75 5.92 19.92
N ASP A 130 -5.99 6.29 20.95
CA ASP A 130 -6.26 7.47 21.82
C ASP A 130 -6.03 8.78 21.07
N SER A 131 -5.31 8.75 19.97
CA SER A 131 -4.97 9.95 19.15
C SER A 131 -6.07 10.21 18.12
N GLY A 132 -6.96 9.22 17.89
CA GLY A 132 -8.11 9.37 16.97
C GLY A 132 -7.81 8.96 15.53
N TYR A 133 -6.82 8.10 15.29
CA TYR A 133 -6.62 7.40 14.00
C TYR A 133 -7.70 6.31 13.88
N PRO A 134 -8.55 6.32 12.83
CA PRO A 134 -9.50 5.22 12.61
C PRO A 134 -8.86 3.91 12.09
N VAL A 135 -7.70 4.03 11.44
CA VAL A 135 -6.96 2.86 10.87
C VAL A 135 -5.45 3.07 11.09
N ALA A 136 -4.74 1.94 11.24
CA ALA A 136 -3.27 1.83 11.17
C ALA A 136 -2.92 0.94 9.98
N ALA A 137 -1.71 1.06 9.45
CA ALA A 137 -1.25 0.28 8.27
C ALA A 137 0.25 -0.05 8.36
N LEU A 138 0.65 -1.11 7.68
CA LEU A 138 2.08 -1.49 7.61
C LEU A 138 2.32 -2.28 6.32
N HIS A 139 3.61 -2.38 5.97
CA HIS A 139 4.18 -3.37 5.03
C HIS A 139 4.86 -4.48 5.84
N ALA A 140 4.59 -5.74 5.52
CA ALA A 140 5.00 -6.94 6.28
C ALA A 140 6.32 -7.49 5.75
N SER A 141 7.31 -7.71 6.62
CA SER A 141 8.59 -8.37 6.26
C SER A 141 8.34 -9.88 6.09
N GLU A 142 7.49 -10.48 6.92
CA GLU A 142 6.98 -11.87 6.74
C GLU A 142 5.45 -11.86 6.89
N GLY A 143 4.77 -12.79 6.22
CA GLY A 143 3.31 -12.78 6.10
C GLY A 143 2.60 -13.53 7.23
N GLY A 144 3.30 -13.85 8.31
CA GLY A 144 2.77 -14.71 9.40
C GLY A 144 2.81 -14.04 10.76
N ILE A 145 3.24 -12.79 10.82
CA ILE A 145 3.49 -12.06 12.09
C ILE A 145 2.25 -11.22 12.50
N TYR A 146 1.60 -10.53 11.55
CA TYR A 146 0.78 -9.32 11.82
C TYR A 146 -0.71 -9.68 11.93
N GLY A 147 -1.14 -10.83 11.41
CA GLY A 147 -2.52 -11.33 11.60
C GLY A 147 -2.95 -11.30 13.06
N ARG A 148 -2.11 -11.76 13.97
CA ARG A 148 -2.48 -11.94 15.40
C ARG A 148 -2.59 -10.57 16.08
N PHE A 149 -2.06 -9.50 15.50
CA PHE A 149 -2.19 -8.12 16.05
C PHE A 149 -3.32 -7.35 15.35
N GLY A 150 -4.14 -8.02 14.54
CA GLY A 150 -5.36 -7.47 13.90
C GLY A 150 -5.13 -6.85 12.51
N TYR A 151 -3.97 -7.08 11.91
CA TYR A 151 -3.62 -6.58 10.55
C TYR A 151 -4.05 -7.62 9.50
N GLY A 152 -4.77 -7.16 8.48
CA GLY A 152 -5.18 -7.98 7.33
C GLY A 152 -4.58 -7.43 6.04
N PRO A 153 -4.00 -8.30 5.18
CA PRO A 153 -3.46 -7.83 3.90
C PRO A 153 -4.61 -7.28 3.05
N ALA A 154 -4.47 -6.05 2.57
CA ALA A 154 -5.56 -5.21 2.02
C ALA A 154 -5.32 -4.83 0.56
N THR A 155 -4.07 -4.92 0.06
CA THR A 155 -3.72 -4.68 -1.36
C THR A 155 -2.82 -5.82 -1.86
N THR A 156 -2.97 -6.19 -3.12
CA THR A 156 -2.14 -7.22 -3.78
C THR A 156 -1.16 -6.56 -4.75
N LEU A 157 0.11 -6.90 -4.61
CA LEU A 157 1.20 -6.58 -5.56
C LEU A 157 1.29 -7.70 -6.59
N HIS A 158 1.57 -7.30 -7.82
CA HIS A 158 1.51 -8.15 -9.03
C HIS A 158 2.69 -7.74 -9.92
N GLU A 159 3.73 -8.56 -10.01
CA GLU A 159 4.83 -8.31 -10.97
C GLU A 159 4.37 -8.79 -12.35
N LEU A 160 4.41 -7.89 -13.32
CA LEU A 160 4.25 -8.20 -14.76
C LEU A 160 5.62 -8.03 -15.42
N THR A 161 6.07 -9.08 -16.10
CA THR A 161 7.27 -9.03 -16.96
C THR A 161 6.77 -9.13 -18.40
N VAL A 162 7.06 -8.13 -19.23
CA VAL A 162 6.72 -8.14 -20.68
C VAL A 162 7.95 -8.51 -21.49
N ASP A 163 7.91 -9.60 -22.27
CA ASP A 163 8.90 -9.85 -23.35
C ASP A 163 8.53 -8.91 -24.50
N ARG A 164 9.18 -7.75 -24.54
CA ARG A 164 8.76 -6.59 -25.39
C ARG A 164 9.21 -6.80 -26.84
N ARG A 165 9.97 -7.86 -27.13
CA ARG A 165 10.38 -8.17 -28.52
C ARG A 165 9.16 -8.67 -29.31
N PHE A 166 8.19 -9.28 -28.65
CA PHE A 166 7.00 -9.88 -29.31
C PHE A 166 5.79 -8.95 -29.23
N ALA A 167 5.85 -7.90 -28.39
CA ALA A 167 4.70 -7.05 -28.02
C ALA A 167 4.24 -6.21 -29.22
N ARG A 168 3.03 -6.47 -29.70
CA ARG A 168 2.31 -5.59 -30.67
C ARG A 168 1.04 -5.09 -29.97
N PHE A 169 0.78 -3.79 -30.00
CA PHE A 169 -0.48 -3.19 -29.48
C PHE A 169 -1.67 -3.60 -30.35
N HIS A 170 -2.82 -3.82 -29.71
CA HIS A 170 -4.12 -4.16 -30.33
C HIS A 170 -4.60 -2.94 -31.14
N ALA A 171 -5.35 -3.16 -32.22
CA ALA A 171 -5.93 -2.09 -33.05
C ALA A 171 -6.72 -1.13 -32.14
N ASP A 172 -7.48 -1.67 -31.18
CA ASP A 172 -8.40 -0.92 -30.30
C ASP A 172 -7.62 0.00 -29.32
N ALA A 173 -6.30 -0.19 -29.18
CA ALA A 173 -5.47 0.52 -28.16
C ALA A 173 -5.43 2.01 -28.49
N PRO A 174 -5.54 2.91 -27.49
CA PRO A 174 -5.39 4.35 -27.72
C PRO A 174 -3.97 4.80 -28.09
N GLY A 175 -3.86 5.90 -28.84
CA GLY A 175 -2.62 6.68 -29.05
C GLY A 175 -1.65 5.99 -29.99
N GLY A 176 -2.17 5.31 -31.02
CA GLY A 176 -1.37 4.59 -32.03
C GLY A 176 -1.58 5.14 -33.43
N GLY A 177 -2.09 6.39 -33.50
CA GLY A 177 -2.34 7.13 -34.76
C GLY A 177 -1.11 7.90 -35.23
N LEU A 178 -1.25 8.67 -36.31
CA LEU A 178 -0.18 9.52 -36.90
C LEU A 178 0.06 10.74 -35.99
N GLY A 179 0.96 11.64 -36.39
CA GLY A 179 1.34 12.84 -35.62
C GLY A 179 2.28 12.50 -34.46
N GLY A 180 2.59 13.48 -33.63
CA GLY A 180 3.58 13.38 -32.53
C GLY A 180 3.10 12.49 -31.39
N SER A 181 4.04 11.92 -30.64
CA SER A 181 3.83 11.33 -29.29
C SER A 181 3.76 12.48 -28.28
N SER A 182 2.92 12.34 -27.25
CA SER A 182 2.80 13.34 -26.14
C SER A 182 3.69 12.92 -24.96
N VAL A 183 4.41 11.79 -25.07
CA VAL A 183 5.36 11.29 -24.02
C VAL A 183 6.76 11.81 -24.32
N ARG A 184 7.48 12.21 -23.26
CA ARG A 184 8.87 12.74 -23.33
C ARG A 184 9.80 11.87 -22.47
N LEU A 185 10.99 11.56 -22.99
CA LEU A 185 12.12 11.01 -22.19
C LEU A 185 12.79 12.17 -21.47
N VAL A 186 12.88 12.11 -20.15
CA VAL A 186 13.38 13.25 -19.33
C VAL A 186 14.26 12.73 -18.19
N ARG A 187 15.14 13.60 -17.71
CA ARG A 187 15.80 13.47 -16.38
C ARG A 187 14.71 13.66 -15.33
N PRO A 188 14.51 12.71 -14.38
CA PRO A 188 13.47 12.84 -13.37
C PRO A 188 13.59 14.13 -12.55
N THR A 189 14.83 14.46 -12.24
CA THR A 189 15.21 15.51 -11.26
C THR A 189 14.90 16.90 -11.82
N GLU A 190 14.71 17.04 -13.15
CA GLU A 190 14.41 18.35 -13.80
C GLU A 190 12.89 18.52 -14.01
N HIS A 191 12.08 17.59 -13.51
CA HIS A 191 10.59 17.60 -13.63
C HIS A 191 9.96 17.06 -12.35
N ARG A 192 10.43 17.53 -11.20
CA ARG A 192 9.92 17.14 -9.86
C ARG A 192 8.48 17.67 -9.75
N GLY A 193 8.29 18.95 -10.06
CA GLY A 193 6.99 19.65 -10.01
C GLY A 193 5.90 18.90 -10.76
N GLU A 194 6.19 18.39 -11.96
CA GLU A 194 5.19 17.73 -12.82
C GLU A 194 4.84 16.35 -12.24
N PHE A 195 5.84 15.62 -11.72
CA PHE A 195 5.62 14.28 -11.12
C PHE A 195 4.74 14.47 -9.88
N GLU A 196 5.11 15.44 -9.04
CA GLU A 196 4.37 15.81 -7.80
C GLU A 196 2.89 16.03 -8.13
N ALA A 197 2.60 16.90 -9.09
CA ALA A 197 1.22 17.24 -9.51
C ALA A 197 0.48 15.98 -9.93
N ILE A 198 1.11 15.13 -10.74
CA ILE A 198 0.46 13.92 -11.34
C ILE A 198 0.16 12.94 -10.20
N TYR A 199 1.16 12.65 -9.36
CA TYR A 199 1.03 11.73 -8.20
C TYR A 199 -0.11 12.25 -7.30
N GLU A 200 -0.10 13.55 -6.98
CA GLU A 200 -1.12 14.19 -6.10
C GLU A 200 -2.52 13.92 -6.68
N ARG A 201 -2.70 14.01 -8.00
CA ARG A 201 -4.00 13.68 -8.63
C ARG A 201 -4.26 12.18 -8.47
N TRP A 202 -3.22 11.37 -8.64
CA TRP A 202 -3.34 9.89 -8.64
C TRP A 202 -3.81 9.42 -7.27
N ARG A 203 -3.17 9.90 -6.21
CA ARG A 203 -3.34 9.37 -4.83
C ARG A 203 -4.74 9.74 -4.31
N GLN A 204 -5.27 10.90 -4.71
CA GLN A 204 -6.62 11.39 -4.29
C GLN A 204 -7.72 10.55 -4.93
N GLN A 205 -7.42 9.82 -6.00
CA GLN A 205 -8.46 9.24 -6.88
C GLN A 205 -8.46 7.70 -6.77
N VAL A 206 -7.52 7.11 -6.02
CA VAL A 206 -7.24 5.64 -6.09
C VAL A 206 -7.16 5.06 -4.68
N PRO A 207 -8.01 4.07 -4.31
CA PRO A 207 -7.88 3.36 -3.04
C PRO A 207 -6.49 2.71 -2.89
N GLY A 208 -5.83 2.98 -1.76
CA GLY A 208 -4.45 2.57 -1.48
C GLY A 208 -3.49 3.75 -1.61
N GLY A 209 -3.96 4.87 -2.16
CA GLY A 209 -3.14 6.07 -2.37
C GLY A 209 -2.65 6.67 -1.06
N LEU A 210 -1.40 7.08 -0.99
CA LEU A 210 -0.89 7.86 0.16
C LEU A 210 -0.43 9.22 -0.34
N LEU A 211 -0.76 10.28 0.41
CA LEU A 211 -0.07 11.58 0.30
C LEU A 211 1.44 11.31 0.41
N ARG A 212 2.23 11.75 -0.57
CA ARG A 212 3.71 11.66 -0.52
C ARG A 212 4.27 13.04 -0.19
N PRO A 213 4.75 13.31 1.04
CA PRO A 213 5.25 14.64 1.39
C PRO A 213 6.58 14.99 0.70
N GLN A 214 6.96 16.28 0.75
CA GLN A 214 8.17 16.82 0.09
C GLN A 214 9.38 15.94 0.40
N VAL A 215 9.63 15.66 1.67
CA VAL A 215 10.89 14.99 2.14
C VAL A 215 11.03 13.63 1.46
N LEU A 216 9.92 12.98 1.08
CA LEU A 216 9.96 11.64 0.43
C LEU A 216 10.18 11.77 -1.09
N TRP A 217 9.73 12.85 -1.70
CA TRP A 217 10.15 13.25 -3.08
C TRP A 217 11.65 13.54 -3.10
N ASP A 218 12.17 14.27 -2.10
CA ASP A 218 13.62 14.52 -1.94
C ASP A 218 14.35 13.17 -1.93
N GLU A 219 13.86 12.22 -1.14
CA GLU A 219 14.44 10.85 -1.06
C GLU A 219 14.37 10.19 -2.44
N LEU A 220 13.20 10.22 -3.08
CA LEU A 220 12.93 9.45 -4.33
C LEU A 220 13.88 9.90 -5.44
N LEU A 221 14.12 11.20 -5.60
CA LEU A 221 14.95 11.75 -6.69
C LEU A 221 16.44 11.53 -6.39
N ALA A 222 16.82 11.33 -5.13
CA ALA A 222 18.20 10.99 -4.75
C ALA A 222 18.53 9.56 -5.23
N GLU A 223 17.54 8.66 -5.21
CA GLU A 223 17.66 7.25 -5.68
C GLU A 223 17.54 7.19 -7.20
N ALA A 224 17.24 8.32 -7.87
CA ALA A 224 17.03 8.39 -9.32
C ALA A 224 18.38 8.46 -10.05
N LYS A 225 19.45 8.84 -9.33
CA LYS A 225 20.81 8.98 -9.92
C LYS A 225 21.65 7.76 -9.52
N ALA A 226 22.67 7.46 -10.34
CA ALA A 226 23.49 6.22 -10.30
C ALA A 226 24.38 6.18 -9.05
N ALA A 227 24.35 5.06 -8.32
CA ALA A 227 25.21 4.77 -7.15
C ALA A 227 26.44 3.98 -7.60
N PRO A 228 27.69 4.44 -7.32
CA PRO A 228 28.88 3.71 -7.74
C PRO A 228 28.86 2.27 -7.23
N GLY A 229 28.93 1.29 -8.15
CA GLY A 229 28.88 -0.15 -7.83
C GLY A 229 27.53 -0.57 -7.30
N GLY A 230 26.49 0.24 -7.54
CA GLY A 230 25.11 -0.03 -7.12
C GLY A 230 24.13 0.09 -8.29
N ASP A 231 23.10 0.91 -8.13
CA ASP A 231 21.97 1.06 -9.09
C ASP A 231 22.37 2.01 -10.23
N ARG A 232 21.78 1.82 -11.40
CA ARG A 232 22.03 2.64 -12.62
C ARG A 232 21.16 3.88 -12.59
N GLU A 233 21.48 4.86 -13.43
CA GLU A 233 20.67 6.08 -13.69
C GLU A 233 19.20 5.67 -13.92
N SER A 234 18.26 6.37 -13.30
CA SER A 234 16.80 6.28 -13.58
C SER A 234 16.44 7.34 -14.62
N PHE A 235 15.73 6.93 -15.68
CA PHE A 235 15.11 7.85 -16.66
C PHE A 235 13.63 7.95 -16.34
N ALA A 236 12.97 8.94 -16.93
CA ALA A 236 11.53 9.19 -16.76
C ALA A 236 10.87 9.33 -18.12
N LEU A 237 9.68 8.75 -18.27
CA LEU A 237 8.75 9.02 -19.37
C LEU A 237 7.62 9.89 -18.79
N LEU A 238 7.44 11.09 -19.34
CA LEU A 238 6.51 12.13 -18.83
C LEU A 238 5.44 12.42 -19.89
N HIS A 239 4.19 12.21 -19.51
CA HIS A 239 2.96 12.56 -20.29
C HIS A 239 2.20 13.60 -19.47
N PRO A 240 1.40 14.49 -20.10
CA PRO A 240 0.58 15.44 -19.35
C PRO A 240 -0.16 14.86 -18.13
N ASP A 241 -0.58 13.59 -18.21
CA ASP A 241 -1.50 12.94 -17.24
C ASP A 241 -0.89 11.62 -16.75
N GLY A 242 0.44 11.52 -16.73
CA GLY A 242 1.11 10.27 -16.28
C GLY A 242 2.62 10.33 -16.35
N TYR A 243 3.29 9.50 -15.56
CA TYR A 243 4.75 9.29 -15.64
C TYR A 243 5.09 7.83 -15.31
N ALA A 244 6.26 7.39 -15.77
CA ALA A 244 6.94 6.13 -15.44
C ALA A 244 8.41 6.42 -15.13
N LEU A 245 8.90 6.02 -13.95
CA LEU A 245 10.35 5.97 -13.63
C LEU A 245 10.85 4.55 -13.87
N TYR A 246 11.94 4.40 -14.60
CA TYR A 246 12.54 3.10 -14.94
C TYR A 246 14.06 3.24 -14.88
N ARG A 247 14.73 2.14 -14.55
CA ARG A 247 16.21 1.99 -14.63
C ARG A 247 16.50 0.62 -15.22
N VAL A 248 17.62 0.47 -15.91
CA VAL A 248 18.10 -0.88 -16.32
C VAL A 248 18.61 -1.59 -15.07
N ASP A 249 18.34 -2.89 -14.96
CA ASP A 249 18.74 -3.74 -13.82
C ASP A 249 20.27 -3.74 -13.72
N ARG A 250 20.82 -3.78 -12.50
CA ARG A 250 22.29 -3.75 -12.23
C ARG A 250 23.00 -4.81 -13.09
N THR A 251 22.55 -6.05 -12.99
CA THR A 251 23.28 -7.25 -13.47
C THR A 251 22.72 -7.70 -14.82
N ASP A 252 21.39 -7.75 -14.97
CA ASP A 252 20.69 -8.16 -16.22
C ASP A 252 20.46 -6.91 -17.07
N LEU A 253 21.25 -6.73 -18.13
CA LEU A 253 21.30 -5.46 -18.91
C LEU A 253 20.24 -5.46 -20.02
N LYS A 254 19.49 -6.55 -20.21
CA LYS A 254 18.35 -6.64 -21.16
C LYS A 254 17.03 -6.46 -20.40
N LEU A 255 17.08 -6.15 -19.10
CA LEU A 255 15.86 -5.96 -18.25
C LEU A 255 15.73 -4.50 -17.79
N ALA A 256 14.58 -3.89 -18.04
CA ALA A 256 14.22 -2.56 -17.49
C ALA A 256 13.26 -2.76 -16.32
N ARG A 257 13.58 -2.20 -15.16
CA ARG A 257 12.69 -2.23 -13.98
C ARG A 257 11.99 -0.88 -13.91
N VAL A 258 10.67 -0.88 -14.12
CA VAL A 258 9.76 0.29 -13.89
C VAL A 258 9.52 0.39 -12.39
N SER A 259 10.20 1.29 -11.68
CA SER A 259 10.06 1.43 -10.20
C SER A 259 8.65 1.93 -9.84
N GLU A 260 8.05 2.75 -10.71
CA GLU A 260 6.84 3.55 -10.41
C GLU A 260 6.21 4.05 -11.70
N LEU A 261 4.95 3.71 -11.94
CA LEU A 261 4.16 4.24 -13.07
C LEU A 261 2.83 4.76 -12.52
N ARG A 262 2.61 6.07 -12.62
CA ARG A 262 1.36 6.75 -12.20
C ARG A 262 0.69 7.36 -13.43
N ALA A 263 -0.48 6.84 -13.81
CA ALA A 263 -1.32 7.36 -14.90
C ALA A 263 -2.70 7.71 -14.34
N VAL A 264 -3.16 8.92 -14.64
CA VAL A 264 -4.46 9.47 -14.19
C VAL A 264 -5.55 9.11 -15.20
N THR A 265 -5.19 8.83 -16.45
CA THR A 265 -6.15 8.58 -17.56
C THR A 265 -5.67 7.35 -18.32
N ALA A 266 -6.57 6.67 -19.05
CA ALA A 266 -6.24 5.45 -19.82
C ALA A 266 -5.32 5.83 -20.99
N ASP A 267 -5.55 7.00 -21.59
CA ASP A 267 -4.68 7.55 -22.65
C ASP A 267 -3.25 7.56 -22.13
N ALA A 268 -3.00 8.22 -20.99
CA ALA A 268 -1.67 8.33 -20.35
C ALA A 268 -1.07 6.92 -20.14
N HIS A 269 -1.85 5.98 -19.60
CA HIS A 269 -1.39 4.61 -19.28
C HIS A 269 -0.91 3.91 -20.56
N CYS A 270 -1.69 3.97 -21.63
CA CYS A 270 -1.36 3.30 -22.91
C CYS A 270 -0.12 3.97 -23.54
N ALA A 271 -0.13 5.31 -23.64
CA ALA A 271 0.96 6.14 -24.18
C ALA A 271 2.29 5.74 -23.55
N LEU A 272 2.31 5.68 -22.21
CA LEU A 272 3.53 5.42 -21.41
C LEU A 272 4.05 4.02 -21.75
N TRP A 273 3.14 3.05 -21.93
CA TRP A 273 3.51 1.64 -22.25
C TRP A 273 3.98 1.51 -23.71
N ARG A 274 3.36 2.23 -24.64
CA ARG A 274 3.90 2.37 -26.02
C ARG A 274 5.37 2.81 -25.95
N ALA A 275 5.70 3.76 -25.07
CA ALA A 275 7.07 4.30 -24.91
C ALA A 275 7.97 3.23 -24.28
N LEU A 276 7.51 2.50 -23.25
CA LEU A 276 8.33 1.45 -22.56
C LEU A 276 8.61 0.29 -23.53
N ILE A 277 7.61 -0.11 -24.33
CA ILE A 277 7.77 -1.19 -25.35
C ILE A 277 8.72 -0.70 -26.46
N GLY A 278 8.89 0.62 -26.61
CA GLY A 278 9.85 1.25 -27.55
C GLY A 278 11.29 1.18 -27.07
N LEU A 279 11.58 0.73 -25.85
CA LEU A 279 12.97 0.51 -25.36
C LEU A 279 13.56 -0.70 -26.09
N ASP A 280 13.97 -0.50 -27.35
CA ASP A 280 14.34 -1.58 -28.31
C ASP A 280 15.62 -2.32 -27.88
N SER A 281 16.41 -1.78 -26.95
CA SER A 281 17.67 -2.40 -26.46
C SER A 281 17.39 -3.36 -25.29
N MET A 282 16.17 -3.34 -24.73
CA MET A 282 15.73 -4.26 -23.66
C MET A 282 14.99 -5.44 -24.28
N GLU A 283 15.07 -6.61 -23.64
CA GLU A 283 14.31 -7.85 -23.96
C GLU A 283 13.02 -7.90 -23.13
N ARG A 284 13.07 -7.37 -21.90
CA ARG A 284 12.03 -7.54 -20.87
C ARG A 284 11.83 -6.22 -20.12
N ILE A 285 10.57 -5.81 -19.96
CA ILE A 285 10.12 -4.74 -19.01
C ILE A 285 9.40 -5.44 -17.85
N SER A 286 9.77 -5.09 -16.61
CA SER A 286 9.14 -5.62 -15.38
C SER A 286 8.55 -4.45 -14.58
N ILE A 287 7.42 -4.69 -13.93
CA ILE A 287 6.75 -3.68 -13.08
C ILE A 287 5.98 -4.40 -11.97
N ILE A 288 6.03 -3.84 -10.76
CA ILE A 288 5.12 -4.26 -9.65
C ILE A 288 3.88 -3.37 -9.77
N THR A 289 2.74 -3.98 -10.05
CA THR A 289 1.47 -3.29 -10.36
C THR A 289 0.37 -3.99 -9.55
N HIS A 290 -0.89 -3.78 -9.92
CA HIS A 290 -2.08 -4.36 -9.23
C HIS A 290 -2.70 -5.40 -10.15
N PRO A 291 -3.56 -6.31 -9.62
CA PRO A 291 -4.13 -7.39 -10.42
C PRO A 291 -5.03 -6.92 -11.56
N GLN A 292 -5.60 -5.71 -11.47
CA GLN A 292 -6.55 -5.22 -12.49
C GLN A 292 -5.81 -4.32 -13.50
N ASP A 293 -4.48 -4.31 -13.54
CA ASP A 293 -3.71 -3.47 -14.51
C ASP A 293 -4.15 -3.86 -15.91
N PRO A 294 -4.64 -2.89 -16.73
CA PRO A 294 -5.14 -3.20 -18.07
C PRO A 294 -4.06 -3.59 -19.10
N LEU A 295 -2.77 -3.54 -18.75
CA LEU A 295 -1.67 -3.77 -19.73
C LEU A 295 -1.90 -5.00 -20.59
N PRO A 296 -2.21 -6.20 -20.05
CA PRO A 296 -2.37 -7.39 -20.89
C PRO A 296 -3.36 -7.19 -22.05
N HIS A 297 -4.38 -6.36 -21.84
CA HIS A 297 -5.50 -6.11 -22.80
C HIS A 297 -5.11 -5.10 -23.88
N LEU A 298 -4.02 -4.35 -23.67
CA LEU A 298 -3.43 -3.43 -24.68
C LEU A 298 -2.67 -4.20 -25.77
N LEU A 299 -2.32 -5.47 -25.56
CA LEU A 299 -1.50 -6.26 -26.50
C LEU A 299 -2.40 -7.22 -27.28
N THR A 300 -1.95 -7.66 -28.46
CA THR A 300 -2.64 -8.66 -29.29
C THR A 300 -2.50 -10.03 -28.63
N ASP A 301 -1.41 -10.24 -27.90
CA ASP A 301 -1.12 -11.49 -27.14
C ASP A 301 -1.07 -11.17 -25.65
N THR A 302 -2.20 -11.33 -24.95
CA THR A 302 -2.35 -11.04 -23.50
C THR A 302 -1.24 -11.74 -22.71
N ARG A 303 -0.80 -12.91 -23.17
CA ARG A 303 0.14 -13.82 -22.46
C ARG A 303 1.57 -13.23 -22.38
N LEU A 304 1.89 -12.22 -23.20
CA LEU A 304 3.22 -11.56 -23.27
C LEU A 304 3.50 -10.80 -21.99
N ALA A 305 2.46 -10.41 -21.26
CA ALA A 305 2.56 -9.84 -19.90
C ALA A 305 2.39 -10.98 -18.89
N ARG A 306 3.45 -11.76 -18.65
CA ARG A 306 3.47 -12.86 -17.67
C ARG A 306 3.46 -12.27 -16.26
N THR A 307 2.67 -12.87 -15.37
CA THR A 307 2.67 -12.62 -13.91
C THR A 307 3.79 -13.47 -13.30
N THR A 308 4.86 -12.82 -12.83
CA THR A 308 6.13 -13.45 -12.38
C THR A 308 6.22 -13.52 -10.85
N TRP A 309 5.27 -12.94 -10.11
CA TRP A 309 5.38 -12.67 -8.65
C TRP A 309 4.09 -12.04 -8.13
N ARG A 310 3.60 -12.52 -6.99
CA ARG A 310 2.39 -11.98 -6.31
C ARG A 310 2.60 -11.99 -4.80
N GLN A 311 2.29 -10.89 -4.13
CA GLN A 311 2.48 -10.76 -2.67
C GLN A 311 1.48 -9.75 -2.11
N ASP A 312 1.14 -9.92 -0.84
CA ASP A 312 0.44 -8.91 -0.01
C ASP A 312 1.22 -7.59 -0.08
N GLY A 313 0.52 -6.47 -0.29
CA GLY A 313 1.11 -5.13 -0.24
C GLY A 313 0.86 -4.48 1.12
N LEU A 314 -0.10 -3.54 1.17
CA LEU A 314 -0.46 -2.80 2.41
C LEU A 314 -1.37 -3.66 3.29
N TRP A 315 -1.10 -3.65 4.59
CA TRP A 315 -1.93 -4.32 5.64
C TRP A 315 -2.65 -3.23 6.44
N LEU A 316 -3.93 -3.46 6.72
CA LEU A 316 -4.77 -2.56 7.55
C LEU A 316 -5.12 -3.23 8.88
N ARG A 317 -5.01 -2.46 9.96
CA ARG A 317 -5.72 -2.70 11.23
C ARG A 317 -6.80 -1.61 11.39
N ILE A 318 -8.07 -2.00 11.34
CA ILE A 318 -9.22 -1.09 11.65
C ILE A 318 -9.19 -0.81 13.16
N MET A 319 -8.83 0.42 13.54
CA MET A 319 -8.68 0.83 14.97
C MET A 319 -10.06 1.10 15.57
N ASN A 320 -10.97 1.68 14.79
CA ASN A 320 -12.36 2.03 15.20
C ASN A 320 -13.32 1.53 14.11
N VAL A 321 -14.07 0.45 14.38
CA VAL A 321 -14.92 -0.23 13.37
C VAL A 321 -15.99 0.74 12.86
N PRO A 322 -16.84 1.34 13.72
CA PRO A 322 -17.85 2.28 13.24
C PRO A 322 -17.27 3.48 12.49
N ALA A 323 -16.17 4.09 12.96
CA ALA A 323 -15.54 5.24 12.28
C ALA A 323 -15.11 4.84 10.86
N ALA A 324 -14.45 3.69 10.72
CA ALA A 324 -13.91 3.23 9.42
C ALA A 324 -15.06 2.84 8.50
N LEU A 325 -15.97 1.97 8.94
CA LEU A 325 -17.09 1.49 8.06
C LEU A 325 -17.90 2.69 7.57
N GLU A 326 -18.12 3.70 8.41
CA GLU A 326 -18.96 4.86 8.04
C GLU A 326 -18.22 5.74 7.03
N ALA A 327 -16.89 5.86 7.13
CA ALA A 327 -16.07 6.84 6.36
C ALA A 327 -16.00 6.47 4.86
N ARG A 328 -15.93 5.19 4.51
CA ARG A 328 -15.71 4.76 3.11
C ARG A 328 -17.06 4.73 2.36
N GLY A 329 -17.01 4.87 1.03
CA GLY A 329 -18.18 4.70 0.14
C GLY A 329 -18.40 3.23 -0.17
N TYR A 330 -19.60 2.87 -0.62
CA TYR A 330 -19.98 1.48 -1.00
C TYR A 330 -20.62 1.51 -2.39
N ALA A 331 -20.64 0.36 -3.06
CA ALA A 331 -21.24 0.23 -4.40
C ALA A 331 -22.68 0.72 -4.34
N HIS A 332 -23.06 1.61 -5.25
CA HIS A 332 -24.47 2.07 -5.44
C HIS A 332 -25.33 0.96 -6.05
N GLU A 333 -24.73 -0.04 -6.68
CA GLU A 333 -25.48 -1.04 -7.50
C GLU A 333 -26.32 -1.91 -6.55
N VAL A 334 -25.72 -2.48 -5.52
CA VAL A 334 -26.41 -3.27 -4.44
C VAL A 334 -27.44 -2.37 -3.75
N GLY A 335 -28.66 -2.88 -3.55
CA GLY A 335 -29.74 -2.11 -2.92
C GLY A 335 -29.59 -2.10 -1.41
N GLU A 336 -30.33 -1.24 -0.71
CA GLU A 336 -30.24 -1.07 0.77
C GLU A 336 -30.45 -2.44 1.46
N PHE A 337 -29.64 -2.71 2.48
CA PHE A 337 -29.74 -3.91 3.35
C PHE A 337 -29.14 -3.59 4.73
N SER A 338 -29.57 -4.36 5.73
CA SER A 338 -29.15 -4.20 7.15
C SER A 338 -28.72 -5.55 7.70
N THR A 339 -27.77 -5.54 8.63
CA THR A 339 -27.29 -6.77 9.31
C THR A 339 -26.64 -6.39 10.65
N VAL A 340 -26.24 -7.39 11.42
CA VAL A 340 -25.42 -7.23 12.65
C VAL A 340 -24.08 -7.91 12.38
N LEU A 341 -23.01 -7.12 12.41
CA LEU A 341 -21.59 -7.55 12.30
C LEU A 341 -21.00 -7.64 13.71
N GLU A 342 -20.43 -8.79 14.08
CA GLU A 342 -19.57 -8.89 15.28
C GLU A 342 -18.11 -8.98 14.84
N VAL A 343 -17.26 -8.10 15.36
CA VAL A 343 -15.77 -8.22 15.30
C VAL A 343 -15.32 -8.85 16.61
N SER A 344 -14.57 -9.95 16.54
CA SER A 344 -14.01 -10.70 17.69
C SER A 344 -13.24 -9.72 18.58
N ASP A 345 -13.67 -9.58 19.84
CA ASP A 345 -13.07 -8.64 20.81
C ASP A 345 -12.92 -7.26 20.14
N GLY A 346 -13.94 -6.82 19.38
CA GLY A 346 -13.92 -5.53 18.66
C GLY A 346 -15.28 -4.85 18.58
N GLY A 347 -16.32 -5.45 19.17
CA GLY A 347 -17.68 -4.86 19.29
C GLY A 347 -18.70 -5.51 18.36
N ARG A 348 -19.98 -5.35 18.68
CA ARG A 348 -21.10 -5.77 17.81
C ARG A 348 -21.86 -4.51 17.34
N PHE A 349 -22.21 -4.47 16.05
CA PHE A 349 -22.73 -3.27 15.37
C PHE A 349 -23.89 -3.62 14.46
N ALA A 350 -24.93 -2.80 14.53
CA ALA A 350 -26.01 -2.73 13.52
C ALA A 350 -25.43 -1.98 12.32
N LEU A 351 -25.21 -2.71 11.23
CA LEU A 351 -24.68 -2.17 9.94
C LEU A 351 -25.83 -2.07 8.95
N LYS A 352 -26.10 -0.86 8.46
CA LYS A 352 -27.12 -0.57 7.42
C LYS A 352 -26.40 0.14 6.27
N ILE A 353 -26.45 -0.44 5.06
CA ILE A 353 -25.77 0.09 3.85
C ILE A 353 -26.82 0.39 2.79
N GLY A 354 -26.76 1.57 2.17
CA GLY A 354 -27.58 1.96 1.01
C GLY A 354 -27.18 3.32 0.48
N ASP A 355 -27.41 3.59 -0.80
CA ASP A 355 -26.95 4.82 -1.51
C ASP A 355 -25.45 5.00 -1.27
N GLY A 356 -24.72 3.87 -1.25
CA GLY A 356 -23.26 3.83 -1.04
C GLY A 356 -22.77 4.55 0.21
N ARG A 357 -23.62 4.74 1.23
CA ARG A 357 -23.19 5.18 2.59
C ARG A 357 -23.53 4.04 3.56
N ALA A 358 -22.80 3.95 4.67
CA ALA A 358 -23.06 3.00 5.78
C ALA A 358 -23.32 3.78 7.06
N ARG A 359 -24.36 3.41 7.80
CA ARG A 359 -24.57 3.79 9.22
C ARG A 359 -24.26 2.54 10.05
N CYS A 360 -23.37 2.69 11.04
CA CYS A 360 -22.80 1.61 11.88
C CYS A 360 -22.93 2.00 13.35
N THR A 361 -23.82 1.34 14.11
CA THR A 361 -24.24 1.76 15.48
C THR A 361 -24.21 0.57 16.45
N PRO A 362 -23.90 0.80 17.75
CA PRO A 362 -23.86 -0.27 18.74
C PRO A 362 -25.18 -1.03 18.80
N THR A 363 -25.13 -2.33 19.09
CA THR A 363 -26.30 -3.22 19.21
C THR A 363 -25.92 -4.43 20.04
N ASP A 364 -26.88 -5.06 20.72
CA ASP A 364 -26.67 -6.35 21.41
C ASP A 364 -27.55 -7.41 20.72
N ALA A 365 -28.21 -7.04 19.62
CA ALA A 365 -28.96 -7.98 18.77
C ALA A 365 -28.02 -9.13 18.35
N ALA A 366 -28.58 -10.32 18.12
CA ALA A 366 -27.86 -11.52 17.62
C ALA A 366 -27.02 -11.18 16.37
N ALA A 367 -25.76 -11.60 16.36
CA ALA A 367 -24.82 -11.42 15.23
C ALA A 367 -25.26 -12.31 14.04
N GLU A 368 -25.23 -11.74 12.83
CA GLU A 368 -25.45 -12.46 11.54
C GLU A 368 -24.10 -12.72 10.83
N ILE A 369 -23.09 -11.89 11.07
CA ILE A 369 -21.69 -12.05 10.56
C ILE A 369 -20.73 -11.87 11.74
N GLU A 370 -19.82 -12.82 11.92
CA GLU A 370 -18.66 -12.70 12.84
C GLU A 370 -17.38 -12.73 11.99
N MET A 371 -16.36 -11.98 12.40
CA MET A 371 -15.00 -12.07 11.81
C MET A 371 -13.97 -11.48 12.79
N ASP A 372 -12.75 -12.00 12.80
CA ASP A 372 -11.61 -11.35 13.52
C ASP A 372 -11.37 -9.97 12.89
N ARG A 373 -10.70 -9.06 13.58
CA ARG A 373 -10.48 -7.66 13.13
C ARG A 373 -9.56 -7.62 11.90
N ASP A 374 -8.62 -8.56 11.78
CA ASP A 374 -7.69 -8.67 10.62
C ASP A 374 -8.51 -8.85 9.33
N VAL A 375 -9.60 -9.61 9.39
CA VAL A 375 -10.42 -9.98 8.21
C VAL A 375 -11.10 -8.72 7.66
N LEU A 376 -11.56 -7.83 8.55
CA LEU A 376 -12.22 -6.56 8.16
C LEU A 376 -11.21 -5.70 7.40
N GLY A 377 -9.97 -5.61 7.89
CA GLY A 377 -8.86 -4.94 7.19
C GLY A 377 -8.75 -5.40 5.76
N SER A 378 -8.78 -6.72 5.55
CA SER A 378 -8.67 -7.38 4.22
C SER A 378 -9.87 -7.03 3.31
N LEU A 379 -11.07 -6.88 3.86
CA LEU A 379 -12.28 -6.49 3.07
C LEU A 379 -12.26 -4.99 2.74
N TYR A 380 -11.62 -4.18 3.57
CA TYR A 380 -11.91 -2.73 3.69
C TYR A 380 -11.65 -1.98 2.37
N LEU A 381 -10.58 -2.27 1.63
CA LEU A 381 -10.24 -1.54 0.36
C LEU A 381 -10.76 -2.28 -0.88
N GLY A 382 -11.45 -3.41 -0.71
CA GLY A 382 -12.12 -4.14 -1.81
C GLY A 382 -11.23 -5.18 -2.49
N ALA A 383 -10.01 -5.37 -2.01
CA ALA A 383 -9.01 -6.29 -2.61
C ALA A 383 -9.42 -7.76 -2.45
N HIS A 384 -10.06 -8.11 -1.33
CA HIS A 384 -10.51 -9.51 -1.06
C HIS A 384 -12.03 -9.55 -0.97
N ARG A 385 -12.64 -10.58 -1.58
CA ARG A 385 -14.11 -10.79 -1.58
C ARG A 385 -14.50 -11.48 -0.27
N ALA A 386 -15.62 -11.09 0.33
CA ALA A 386 -16.12 -11.69 1.59
C ALA A 386 -16.40 -13.18 1.37
N SER A 387 -16.88 -13.55 0.19
CA SER A 387 -17.19 -14.96 -0.20
C SER A 387 -15.95 -15.85 -0.08
N THR A 388 -14.79 -15.31 -0.46
CA THR A 388 -13.50 -16.04 -0.48
C THR A 388 -13.06 -16.28 0.97
N LEU A 389 -13.12 -15.25 1.81
CA LEU A 389 -12.76 -15.35 3.25
C LEU A 389 -13.79 -16.26 3.97
N ALA A 390 -15.04 -16.25 3.51
CA ALA A 390 -16.11 -17.13 4.03
C ALA A 390 -15.74 -18.60 3.78
N ALA A 391 -15.30 -18.92 2.57
CA ALA A 391 -14.94 -20.29 2.14
C ALA A 391 -13.77 -20.81 3.01
N ALA A 392 -12.99 -19.91 3.61
CA ALA A 392 -11.85 -20.26 4.50
C ALA A 392 -12.32 -20.23 5.96
N ASN A 393 -13.57 -19.81 6.17
CA ASN A 393 -14.23 -19.72 7.50
C ASN A 393 -13.53 -18.65 8.36
N ARG A 394 -12.92 -17.64 7.73
CA ARG A 394 -12.36 -16.45 8.43
C ARG A 394 -13.51 -15.50 8.78
N LEU A 395 -14.64 -15.71 8.11
CA LEU A 395 -15.86 -14.86 8.14
C LEU A 395 -17.08 -15.79 8.20
N ARG A 396 -17.78 -15.85 9.34
CA ARG A 396 -18.93 -16.76 9.57
C ARG A 396 -20.24 -16.01 9.32
N THR A 397 -21.14 -16.63 8.54
CA THR A 397 -22.55 -16.23 8.37
C THR A 397 -23.35 -17.44 7.90
N LYS A 398 -24.64 -17.49 8.21
CA LYS A 398 -25.53 -18.63 7.85
C LYS A 398 -26.43 -18.25 6.68
N ASP A 399 -26.36 -16.98 6.22
CA ASP A 399 -27.16 -16.44 5.10
C ASP A 399 -26.24 -16.14 3.90
N SER A 400 -26.31 -16.96 2.83
CA SER A 400 -25.45 -16.81 1.63
C SER A 400 -25.86 -15.57 0.83
N GLN A 401 -27.12 -15.12 1.00
CA GLN A 401 -27.61 -13.85 0.39
C GLN A 401 -26.86 -12.65 0.97
N LEU A 402 -26.65 -12.63 2.28
CA LEU A 402 -25.92 -11.54 2.99
C LEU A 402 -24.46 -11.50 2.52
N LEU A 403 -23.86 -12.66 2.28
CA LEU A 403 -22.48 -12.80 1.75
C LEU A 403 -22.38 -12.10 0.38
N ARG A 404 -23.33 -12.40 -0.52
CA ARG A 404 -23.40 -11.75 -1.86
C ARG A 404 -23.49 -10.23 -1.70
N ARG A 405 -24.33 -9.76 -0.80
CA ARG A 405 -24.56 -8.30 -0.57
C ARG A 405 -23.29 -7.62 -0.03
N LEU A 406 -22.57 -8.25 0.90
CA LEU A 406 -21.29 -7.71 1.43
C LEU A 406 -20.26 -7.65 0.30
N ASP A 407 -20.06 -8.80 -0.36
CA ASP A 407 -19.21 -8.90 -1.58
C ASP A 407 -19.43 -7.67 -2.46
N ALA A 408 -20.69 -7.39 -2.82
CA ALA A 408 -21.06 -6.38 -3.82
C ALA A 408 -20.84 -4.98 -3.26
N ALA A 409 -21.22 -4.77 -1.99
CA ALA A 409 -21.15 -3.46 -1.31
C ALA A 409 -19.69 -3.02 -1.14
N PHE A 410 -18.83 -3.91 -0.63
CA PHE A 410 -17.44 -3.59 -0.22
C PHE A 410 -16.53 -3.50 -1.45
N ALA A 411 -16.87 -4.21 -2.52
CA ALA A 411 -16.19 -4.12 -3.85
C ALA A 411 -15.94 -2.65 -4.18
N SER A 412 -14.80 -2.36 -4.82
CA SER A 412 -14.36 -0.98 -5.19
C SER A 412 -14.44 -0.80 -6.71
N ASP A 413 -15.14 0.26 -7.13
CA ASP A 413 -15.30 0.63 -8.56
C ASP A 413 -13.91 0.84 -9.15
N VAL A 414 -13.17 1.83 -8.64
CA VAL A 414 -11.72 2.08 -8.95
C VAL A 414 -10.94 0.95 -8.30
N PRO A 415 -10.12 0.18 -9.04
CA PRO A 415 -9.39 -0.93 -8.45
C PRO A 415 -8.31 -0.44 -7.48
N VAL A 416 -8.11 -1.17 -6.38
CA VAL A 416 -7.18 -0.78 -5.28
C VAL A 416 -5.73 -1.05 -5.74
N GLN A 417 -4.87 -0.07 -5.51
CA GLN A 417 -3.43 -0.08 -5.87
C GLN A 417 -2.58 0.09 -4.59
N THR A 418 -1.27 -0.07 -4.71
CA THR A 418 -0.34 0.14 -3.56
C THR A 418 0.49 1.38 -3.86
N ALA A 419 0.58 2.31 -2.92
CA ALA A 419 1.20 3.64 -3.14
C ALA A 419 2.72 3.50 -3.07
N PHE A 420 3.28 3.40 -1.87
CA PHE A 420 4.75 3.33 -1.66
C PHE A 420 5.01 2.64 -0.32
N GLU A 421 6.09 1.87 -0.26
CA GLU A 421 6.50 1.12 0.95
C GLU A 421 6.98 2.13 2.00
N PHE A 422 6.69 1.81 3.27
CA PHE A 422 7.14 2.57 4.46
C PHE A 422 7.35 1.56 5.61
#